data_7F6Z
#
_entry.id   7F6Z
#
_cell.length_a   82.920
_cell.length_b   146.837
_cell.length_c   145.651
_cell.angle_alpha   90.000
_cell.angle_beta   90.000
_cell.angle_gamma   90.000
#
_symmetry.space_group_name_H-M   'C 2 2 21'
#
loop_
_entity.id
_entity.type
_entity.pdbx_description
1 polymer 'Spike protein S1'
2 polymer 'Heavy Chain of BD-503'
3 polymer 'Light Chain of BD-503'
4 branched 2-acetamido-2-deoxy-beta-D-glucopyranose-(1-4)-2-acetamido-2-deoxy-beta-D-glucopyranose
#
loop_
_entity_poly.entity_id
_entity_poly.type
_entity_poly.pdbx_seq_one_letter_code
_entity_poly.pdbx_strand_id
1 'polypeptide(L)'
;RVQPTESIVRFPNITNLCPFGEVFNATRFASVYAWNRKRISNCVADYSVLYNSASFSTFKCYGVSPTKLNDLCFTNVYAD
SFVIRGDEVRQIAPGQTGNIADYNYKLPDDFTGCVIAWNSNNLDSKVGGNYNYLYRLFRKSNLKPFERDISTEIYQAGST
PCNGVKGFNCYFPLQSYGFQPTYGVGYQPYRVVVLSFELLHAPATVCGPKKSTNLVKNKCVNF
;
R
2 'polypeptide(L)'
;EVQLVESGGGLIQPGGSLRLSCAASGLIVSSNYMSWVRQAPGKGLEWVSVLYAGGSTDYAGSVKGRFTISRDNSKNTLYL
QMNSLRAEDTAVYYCARDAAVYGIDVWGQGTTVTVSSASTKGPSVFPLAPSSKSTSGGTAALGCLVKDYFPEPVTVSWNS
GALTSGVHTFPAVLQSSGLYSLSSVVTVPSSSLGTQTYICNVNHKPSNTKVDKKVEPKSCDK
;
H
3 'polypeptide(L)'
;DIQMTQSPSSLSASVGDRVTITCRASQSISSYLNWYQQKPGKAPKLLIYAASSLQSGVPSRFSGSGSGTDFTLTISSLQP
EDFATYYCQQSYTTPLFTFGPGTKVDIKRTVAAPSVFIFPPSDEQLKSGTASVVCLLNNFYPREAKVQWKVDNALQSGNS
QESVTEQDSKDSTYSLSSTLTLSKADYEKHKVYACEVTHQGLSSPVTKSFNRGEC
;
L
#
loop_
_chem_comp.id
_chem_comp.type
_chem_comp.name
_chem_comp.formula
NAG D-saccharide, beta linking 2-acetamido-2-deoxy-beta-D-glucopyranose 'C8 H15 N O6'
#
# COMPACT_ATOMS: atom_id res chain seq x y z
N ASN A 16 22.50 -55.16 2.59
CA ASN A 16 21.70 -54.21 1.82
C ASN A 16 21.04 -53.14 2.72
N LEU A 17 21.24 -51.87 2.39
CA LEU A 17 20.76 -50.79 3.22
C LEU A 17 20.01 -49.77 2.35
N CYS A 18 19.37 -48.80 3.01
CA CYS A 18 18.32 -48.08 2.31
C CYS A 18 18.93 -47.04 1.38
N PRO A 19 18.32 -46.83 0.21
CA PRO A 19 18.86 -45.91 -0.80
C PRO A 19 18.63 -44.44 -0.46
N PHE A 20 19.09 -44.02 0.72
CA PHE A 20 18.99 -42.61 1.04
C PHE A 20 19.95 -41.77 0.21
N GLY A 21 21.04 -42.37 -0.28
CA GLY A 21 21.87 -41.69 -1.25
C GLY A 21 21.12 -41.37 -2.52
N GLU A 22 20.31 -42.31 -3.01
CA GLU A 22 19.50 -42.11 -4.20
C GLU A 22 18.54 -40.91 -4.08
N VAL A 23 18.20 -40.48 -2.87
CA VAL A 23 17.28 -39.37 -2.69
C VAL A 23 18.00 -38.08 -2.36
N PHE A 24 18.85 -38.09 -1.33
CA PHE A 24 19.51 -36.87 -0.88
C PHE A 24 20.56 -36.40 -1.88
N ASN A 25 21.41 -37.30 -2.32
CA ASN A 25 22.48 -36.97 -3.24
C ASN A 25 22.10 -37.27 -4.68
N ALA A 26 20.94 -36.79 -5.07
CA ALA A 26 20.53 -36.89 -6.46
C ALA A 26 20.78 -35.54 -7.11
N THR A 27 21.16 -35.58 -8.40
CA THR A 27 21.51 -34.35 -9.14
C THR A 27 20.30 -33.46 -9.41
N ARG A 28 19.22 -34.03 -9.94
CA ARG A 28 18.02 -33.23 -10.17
C ARG A 28 16.98 -33.53 -9.09
N PHE A 29 16.29 -32.49 -8.63
CA PHE A 29 15.17 -32.54 -7.71
C PHE A 29 13.90 -32.06 -8.41
N ALA A 30 12.76 -32.69 -8.08
CA ALA A 30 11.47 -32.38 -8.69
C ALA A 30 11.03 -30.96 -8.36
N SER A 31 10.07 -30.44 -9.12
CA SER A 31 9.40 -29.19 -8.73
C SER A 31 8.38 -29.48 -7.61
N VAL A 32 8.20 -28.50 -6.70
CA VAL A 32 7.31 -28.76 -5.57
C VAL A 32 5.94 -29.23 -6.04
N TYR A 33 5.42 -28.61 -7.11
CA TYR A 33 4.07 -28.96 -7.54
C TYR A 33 3.99 -30.39 -7.99
N ALA A 34 5.09 -30.95 -8.48
CA ALA A 34 5.14 -32.35 -8.87
C ALA A 34 6.13 -33.12 -8.02
N TRP A 35 6.01 -33.00 -6.69
CA TRP A 35 6.96 -33.61 -5.77
C TRP A 35 7.18 -35.09 -6.07
N ASN A 36 8.38 -35.56 -5.75
CA ASN A 36 8.78 -36.95 -5.96
C ASN A 36 8.54 -37.75 -4.70
N ARG A 37 8.09 -38.98 -4.85
CA ARG A 37 7.93 -39.87 -3.70
C ARG A 37 8.68 -41.17 -3.96
N LYS A 38 9.69 -41.44 -3.14
CA LYS A 38 10.37 -42.73 -3.17
C LYS A 38 9.91 -43.59 -2.01
N ARG A 39 9.64 -44.87 -2.30
CA ARG A 39 9.21 -45.85 -1.31
C ARG A 39 10.43 -46.62 -0.78
N ILE A 40 10.78 -46.40 0.49
CA ILE A 40 11.87 -47.15 1.12
C ILE A 40 11.27 -48.35 1.81
N SER A 41 11.73 -49.54 1.43
CA SER A 41 11.20 -50.78 1.98
C SER A 41 12.29 -51.84 1.94
N ASN A 42 12.23 -52.76 2.92
CA ASN A 42 13.06 -53.97 2.98
C ASN A 42 14.55 -53.63 3.03
N CYS A 43 14.94 -52.85 4.03
CA CYS A 43 16.31 -52.41 4.10
C CYS A 43 16.63 -51.89 5.50
N VAL A 44 17.90 -51.63 5.74
CA VAL A 44 18.33 -51.13 7.02
C VAL A 44 18.81 -49.71 6.83
N ALA A 45 18.68 -48.90 7.86
CA ALA A 45 18.93 -47.47 7.76
C ALA A 45 19.81 -46.99 8.90
N ASP A 46 20.55 -45.93 8.64
CA ASP A 46 21.34 -45.22 9.64
C ASP A 46 20.86 -43.77 9.63
N TYR A 47 19.91 -43.46 10.50
CA TYR A 47 19.41 -42.09 10.61
C TYR A 47 20.30 -41.19 11.45
N SER A 48 21.40 -41.69 12.00
CA SER A 48 22.37 -40.81 12.62
C SER A 48 23.40 -40.27 11.64
N VAL A 49 23.67 -41.03 10.56
CA VAL A 49 24.57 -40.49 9.51
C VAL A 49 23.82 -39.38 8.77
N LEU A 50 22.53 -39.25 9.06
CA LEU A 50 21.79 -38.12 8.47
C LEU A 50 21.78 -37.01 9.52
N TYR A 51 21.35 -37.33 10.74
CA TYR A 51 21.22 -36.28 11.78
C TYR A 51 22.57 -35.60 12.04
N ASN A 52 23.63 -36.40 12.13
CA ASN A 52 24.95 -35.81 12.49
C ASN A 52 25.76 -35.52 11.22
N SER A 53 25.10 -35.12 10.13
CA SER A 53 25.85 -34.75 8.91
C SER A 53 26.25 -33.28 9.04
N ALA A 54 25.53 -32.53 9.87
CA ALA A 54 25.78 -31.10 10.07
C ALA A 54 25.97 -30.38 8.73
N SER A 55 25.22 -30.85 7.71
CA SER A 55 25.16 -30.18 6.41
C SER A 55 23.75 -29.68 6.10
N PHE A 56 22.90 -29.54 7.12
CA PHE A 56 21.48 -29.30 6.93
C PHE A 56 21.04 -27.96 7.54
N SER A 57 20.14 -27.29 6.84
CA SER A 57 19.58 -26.03 7.31
C SER A 57 18.42 -26.23 8.30
N THR A 58 17.63 -27.28 8.12
CA THR A 58 16.41 -27.49 8.90
C THR A 58 16.22 -29.00 9.08
N PHE A 59 15.92 -29.44 10.29
CA PHE A 59 15.76 -30.88 10.57
C PHE A 59 14.76 -31.10 11.71
N LYS A 60 13.53 -30.61 11.57
CA LYS A 60 12.50 -30.82 12.57
C LYS A 60 11.83 -32.16 12.34
N CYS A 61 11.76 -32.99 13.38
CA CYS A 61 10.90 -34.17 13.35
C CYS A 61 9.65 -33.93 14.18
N TYR A 62 8.67 -34.80 13.96
CA TYR A 62 7.35 -34.68 14.54
C TYR A 62 6.85 -36.06 14.94
N GLY A 63 6.35 -36.19 16.17
CA GLY A 63 5.83 -37.46 16.61
C GLY A 63 6.84 -38.58 16.63
N VAL A 64 8.12 -38.23 16.60
CA VAL A 64 9.21 -39.18 16.75
C VAL A 64 10.48 -38.35 16.98
N SER A 65 11.53 -38.98 17.51
CA SER A 65 12.70 -38.19 17.84
C SER A 65 13.92 -38.67 17.07
N PRO A 66 14.74 -37.76 16.53
CA PRO A 66 15.70 -38.17 15.50
C PRO A 66 16.78 -39.13 16.00
N THR A 67 17.12 -39.09 17.30
CA THR A 67 18.19 -39.92 17.84
C THR A 67 17.70 -41.32 18.24
N LYS A 68 16.40 -41.46 18.52
CA LYS A 68 15.73 -42.73 18.75
C LYS A 68 15.25 -43.37 17.45
N LEU A 69 15.58 -42.77 16.31
CA LEU A 69 15.06 -43.22 15.02
C LEU A 69 15.73 -44.52 14.57
N ASN A 70 16.96 -44.76 14.99
CA ASN A 70 17.67 -45.95 14.56
C ASN A 70 17.36 -47.16 15.42
N ASP A 71 16.57 -46.97 16.49
CA ASP A 71 16.08 -48.05 17.35
C ASP A 71 14.73 -48.58 16.88
N LEU A 72 14.08 -47.89 15.95
CA LEU A 72 12.71 -48.14 15.55
C LEU A 72 12.63 -48.93 14.25
N CYS A 73 11.49 -49.57 14.05
CA CYS A 73 11.15 -50.20 12.79
C CYS A 73 9.87 -49.56 12.25
N PHE A 74 9.70 -49.64 10.94
CA PHE A 74 8.47 -49.19 10.30
C PHE A 74 8.14 -50.16 9.18
N THR A 75 6.89 -50.14 8.73
CA THR A 75 6.50 -51.10 7.70
C THR A 75 6.84 -50.59 6.32
N ASN A 76 6.76 -49.26 6.15
CA ASN A 76 7.20 -48.56 4.94
C ASN A 76 7.61 -47.15 5.34
N VAL A 77 8.67 -46.65 4.71
CA VAL A 77 9.13 -45.28 4.92
C VAL A 77 9.02 -44.55 3.59
N TYR A 78 8.44 -43.34 3.61
CA TYR A 78 8.22 -42.53 2.42
C TYR A 78 9.11 -41.30 2.45
N ALA A 79 9.89 -41.11 1.37
CA ALA A 79 10.82 -40.00 1.19
C ALA A 79 10.31 -39.09 0.06
N ASP A 80 9.61 -38.03 0.43
CA ASP A 80 9.22 -37.02 -0.54
C ASP A 80 10.34 -35.99 -0.68
N SER A 81 10.49 -35.45 -1.88
CA SER A 81 11.58 -34.50 -2.15
C SER A 81 11.13 -33.47 -3.17
N PHE A 82 11.61 -32.24 -3.02
CA PHE A 82 11.28 -31.14 -3.92
C PHE A 82 12.16 -29.93 -3.59
N VAL A 83 11.90 -28.81 -4.29
CA VAL A 83 12.64 -27.56 -4.14
C VAL A 83 11.64 -26.43 -3.93
N ILE A 84 11.95 -25.53 -3.00
CA ILE A 84 11.11 -24.37 -2.70
C ILE A 84 12.02 -23.20 -2.35
N ARG A 85 11.40 -22.03 -2.17
CA ARG A 85 12.11 -20.85 -1.69
C ARG A 85 12.32 -20.94 -0.17
N GLY A 86 13.31 -20.20 0.32
CA GLY A 86 13.66 -20.29 1.74
C GLY A 86 12.53 -19.90 2.67
N ASP A 87 11.91 -18.74 2.44
CA ASP A 87 10.80 -18.30 3.26
C ASP A 87 9.64 -19.29 3.16
N GLU A 88 9.78 -20.30 2.29
CA GLU A 88 8.75 -21.30 2.10
C GLU A 88 9.01 -22.61 2.85
N VAL A 89 10.21 -22.82 3.40
CA VAL A 89 10.47 -24.05 4.16
C VAL A 89 9.63 -24.10 5.42
N ARG A 90 9.10 -22.97 5.86
CA ARG A 90 8.30 -22.93 7.08
C ARG A 90 6.96 -23.64 6.91
N GLN A 91 6.46 -23.65 5.68
CA GLN A 91 5.11 -24.21 5.41
C GLN A 91 5.19 -25.73 5.22
N ILE A 92 6.39 -26.28 5.24
CA ILE A 92 6.50 -27.76 5.18
C ILE A 92 6.47 -28.23 6.61
N ALA A 93 5.32 -28.03 7.23
CA ALA A 93 5.17 -28.41 8.64
C ALA A 93 3.69 -28.70 8.87
N PRO A 94 3.35 -29.54 9.85
CA PRO A 94 1.95 -29.74 10.19
C PRO A 94 1.21 -28.45 10.54
N GLY A 95 0.03 -28.26 9.99
CA GLY A 95 -0.80 -27.11 10.36
C GLY A 95 -0.41 -25.82 9.67
N GLN A 96 0.00 -25.88 8.40
CA GLN A 96 0.48 -24.64 7.79
C GLN A 96 -0.43 -24.25 6.63
N THR A 97 -0.39 -22.95 6.28
CA THR A 97 -1.14 -22.38 5.18
C THR A 97 -0.24 -21.44 4.38
N GLY A 98 -0.55 -21.31 3.09
CA GLY A 98 0.27 -20.50 2.17
C GLY A 98 0.27 -21.19 0.83
N ASN A 99 0.81 -20.59 -0.20
CA ASN A 99 0.70 -21.20 -1.56
C ASN A 99 1.30 -22.60 -1.57
N ILE A 100 2.40 -22.83 -0.86
CA ILE A 100 3.02 -24.18 -0.98
C ILE A 100 2.19 -25.16 -0.18
N ALA A 101 1.83 -24.83 1.05
CA ALA A 101 1.11 -25.84 1.84
C ALA A 101 -0.33 -25.98 1.42
N ASP A 102 -0.90 -24.95 0.80
CA ASP A 102 -2.29 -25.06 0.36
C ASP A 102 -2.39 -25.72 -1.00
N TYR A 103 -1.51 -25.36 -1.92
CA TYR A 103 -1.72 -25.71 -3.30
C TYR A 103 -0.68 -26.69 -3.83
N ASN A 104 0.36 -27.00 -3.07
CA ASN A 104 1.49 -27.76 -3.62
C ASN A 104 1.91 -28.94 -2.77
N TYR A 105 2.00 -28.77 -1.46
CA TYR A 105 2.40 -29.88 -0.58
C TYR A 105 1.83 -29.66 0.81
N LYS A 106 0.87 -30.51 1.19
CA LYS A 106 0.29 -30.43 2.52
C LYS A 106 0.72 -31.65 3.31
N LEU A 107 0.98 -31.43 4.59
CA LEU A 107 1.27 -32.42 5.60
C LEU A 107 0.09 -32.56 6.56
N PRO A 108 -0.26 -33.79 6.93
CA PRO A 108 -1.43 -34.01 7.76
C PRO A 108 -1.23 -33.44 9.15
N ASP A 109 -2.34 -33.07 9.82
CA ASP A 109 -2.22 -32.48 11.16
C ASP A 109 -1.54 -33.44 12.12
N ASP A 110 -1.81 -34.73 11.97
CA ASP A 110 -1.20 -35.84 12.72
C ASP A 110 0.09 -36.31 12.09
N PHE A 111 0.94 -35.43 11.61
CA PHE A 111 2.12 -35.91 10.89
C PHE A 111 3.12 -36.50 11.87
N THR A 112 3.70 -37.63 11.46
CA THR A 112 4.78 -38.29 12.19
C THR A 112 5.91 -38.61 11.21
N GLY A 113 7.01 -37.86 11.32
CA GLY A 113 8.08 -37.95 10.36
C GLY A 113 8.99 -36.74 10.48
N CYS A 114 9.91 -36.63 9.52
CA CYS A 114 10.94 -35.61 9.59
C CYS A 114 10.99 -34.77 8.33
N VAL A 115 11.28 -33.49 8.50
CA VAL A 115 11.36 -32.54 7.40
C VAL A 115 12.78 -31.96 7.37
N ILE A 116 13.53 -32.26 6.31
CA ILE A 116 14.96 -31.94 6.22
C ILE A 116 15.19 -31.07 4.98
N ALA A 117 15.72 -29.88 5.19
CA ALA A 117 16.04 -28.97 4.10
C ALA A 117 17.53 -28.63 4.15
N TRP A 118 18.05 -28.13 3.05
CA TRP A 118 19.35 -27.48 3.06
C TRP A 118 19.36 -26.43 1.95
N ASN A 119 20.39 -25.58 1.97
CA ASN A 119 20.51 -24.58 0.92
C ASN A 119 21.16 -25.21 -0.30
N SER A 120 20.52 -25.02 -1.46
CA SER A 120 20.93 -25.63 -2.73
C SER A 120 21.30 -24.59 -3.77
N ASN A 121 21.51 -23.34 -3.36
CA ASN A 121 21.83 -22.27 -4.30
C ASN A 121 22.92 -22.70 -5.26
N ASN A 122 23.97 -23.32 -4.74
CA ASN A 122 25.03 -23.89 -5.55
C ASN A 122 24.55 -24.59 -6.82
N LEU A 123 23.65 -25.60 -6.74
CA LEU A 123 23.27 -26.38 -7.92
C LEU A 123 21.95 -25.99 -8.58
N ASP A 124 21.06 -25.31 -7.87
CA ASP A 124 19.70 -25.08 -8.35
C ASP A 124 19.43 -23.66 -8.78
N SER A 125 20.37 -22.74 -8.61
CA SER A 125 20.18 -21.39 -9.13
C SER A 125 21.22 -21.13 -10.22
N LYS A 126 20.74 -20.64 -11.36
CA LYS A 126 21.55 -20.43 -12.55
C LYS A 126 21.55 -18.96 -12.92
N VAL A 127 22.71 -18.47 -13.39
CA VAL A 127 22.92 -17.05 -13.66
C VAL A 127 21.99 -16.58 -14.79
N GLY A 128 21.12 -15.63 -14.48
CA GLY A 128 20.07 -15.25 -15.39
C GLY A 128 18.81 -16.08 -15.28
N GLY A 129 18.61 -16.79 -14.17
CA GLY A 129 17.36 -17.49 -13.93
C GLY A 129 17.40 -19.00 -14.15
N ASN A 130 16.81 -19.74 -13.22
CA ASN A 130 16.56 -21.18 -13.38
C ASN A 130 15.05 -21.32 -13.50
N TYR A 131 14.57 -21.34 -14.74
CA TYR A 131 13.15 -21.42 -15.02
C TYR A 131 12.67 -22.86 -15.11
N ASN A 132 13.44 -23.79 -14.52
CA ASN A 132 13.06 -25.19 -14.49
C ASN A 132 12.13 -25.49 -13.31
N TYR A 133 12.35 -24.86 -12.16
CA TYR A 133 11.59 -25.19 -10.95
C TYR A 133 10.31 -24.37 -10.87
N LEU A 134 9.19 -25.07 -10.70
CA LEU A 134 7.86 -24.48 -10.70
C LEU A 134 7.14 -24.70 -9.38
N TYR A 135 5.98 -24.07 -9.28
CA TYR A 135 5.03 -24.18 -8.19
C TYR A 135 3.67 -23.81 -8.73
N ARG A 136 2.63 -24.38 -8.14
CA ARG A 136 1.28 -24.00 -8.53
C ARG A 136 0.95 -22.70 -7.83
N LEU A 137 0.55 -21.69 -8.59
CA LEU A 137 0.17 -20.42 -8.00
C LEU A 137 -1.35 -20.23 -7.88
N PHE A 138 -2.14 -20.88 -8.74
CA PHE A 138 -3.59 -20.76 -8.75
C PHE A 138 -4.21 -22.13 -8.52
N ARG A 139 -5.11 -22.20 -7.53
CA ARG A 139 -5.92 -23.38 -7.30
C ARG A 139 -7.23 -22.95 -6.70
N LYS A 140 -8.24 -23.82 -6.80
CA LYS A 140 -9.58 -23.47 -6.31
C LYS A 140 -9.90 -24.04 -4.92
N SER A 141 -9.11 -25.00 -4.42
CA SER A 141 -9.32 -25.55 -3.08
C SER A 141 -7.99 -26.08 -2.53
N ASN A 142 -7.91 -26.16 -1.20
CA ASN A 142 -6.69 -26.65 -0.55
C ASN A 142 -6.49 -28.15 -0.73
N LEU A 143 -5.22 -28.56 -0.78
CA LEU A 143 -4.87 -29.94 -0.98
C LEU A 143 -5.12 -30.76 0.27
N LYS A 144 -5.59 -31.99 0.08
CA LYS A 144 -5.60 -32.94 1.16
C LYS A 144 -4.17 -33.40 1.42
N PRO A 145 -3.86 -33.89 2.62
CA PRO A 145 -2.47 -34.23 2.94
C PRO A 145 -1.96 -35.33 2.02
N PHE A 146 -0.79 -35.05 1.40
CA PHE A 146 -0.12 -35.91 0.46
C PHE A 146 -0.88 -36.05 -0.86
N GLU A 147 -1.70 -35.05 -1.20
CA GLU A 147 -2.23 -34.92 -2.54
C GLU A 147 -1.16 -34.33 -3.47
N ARG A 148 -1.41 -34.44 -4.78
CA ARG A 148 -0.43 -34.09 -5.80
C ARG A 148 -1.17 -33.71 -7.08
N ASP A 149 -1.25 -32.42 -7.36
CA ASP A 149 -2.02 -31.89 -8.49
C ASP A 149 -1.04 -31.49 -9.59
N ILE A 150 -0.99 -32.29 -10.66
CA ILE A 150 -0.13 -31.99 -11.80
C ILE A 150 -0.90 -31.38 -12.97
N SER A 151 -2.19 -31.10 -12.80
CA SER A 151 -3.01 -30.58 -13.87
C SER A 151 -2.45 -29.25 -14.40
N THR A 152 -2.20 -29.18 -15.71
CA THR A 152 -1.79 -27.93 -16.33
C THR A 152 -2.94 -27.22 -17.05
N GLU A 153 -4.18 -27.42 -16.59
CA GLU A 153 -5.34 -26.74 -17.16
C GLU A 153 -5.26 -25.25 -16.92
N ILE A 154 -5.84 -24.47 -17.83
CA ILE A 154 -5.96 -23.04 -17.57
C ILE A 154 -6.88 -22.85 -16.37
N TYR A 155 -6.43 -22.05 -15.41
CA TYR A 155 -7.24 -21.78 -14.23
C TYR A 155 -8.38 -20.85 -14.59
N GLN A 156 -9.61 -21.23 -14.25
CA GLN A 156 -10.79 -20.40 -14.52
C GLN A 156 -11.13 -19.58 -13.28
N ALA A 157 -10.83 -18.28 -13.34
CA ALA A 157 -11.08 -17.35 -12.25
C ALA A 157 -12.40 -16.62 -12.39
N GLY A 158 -13.13 -16.87 -13.47
CA GLY A 158 -14.40 -16.20 -13.67
C GLY A 158 -15.56 -17.17 -13.79
N SER A 159 -16.60 -16.74 -14.49
CA SER A 159 -17.82 -17.51 -14.63
C SER A 159 -17.95 -18.17 -16.00
N THR A 160 -17.18 -17.72 -16.98
CA THR A 160 -17.12 -18.19 -18.36
C THR A 160 -15.88 -19.04 -18.56
N PRO A 161 -15.99 -20.22 -19.16
CA PRO A 161 -14.82 -21.12 -19.25
C PRO A 161 -13.68 -20.50 -20.05
N CYS A 162 -12.53 -21.17 -19.99
CA CYS A 162 -11.31 -20.60 -20.56
C CYS A 162 -10.90 -21.27 -21.87
N ASN A 163 -11.22 -22.55 -22.02
CA ASN A 163 -10.95 -23.31 -23.25
C ASN A 163 -9.52 -23.08 -23.75
N GLY A 164 -8.55 -23.42 -22.87
CA GLY A 164 -7.14 -23.45 -23.22
C GLY A 164 -6.51 -22.15 -23.67
N VAL A 165 -7.27 -21.08 -23.55
CA VAL A 165 -6.80 -19.74 -24.00
C VAL A 165 -6.47 -18.91 -22.77
N LYS A 166 -5.20 -18.54 -22.62
CA LYS A 166 -4.78 -17.70 -21.49
C LYS A 166 -5.28 -16.28 -21.75
N GLY A 167 -5.74 -15.59 -20.72
CA GLY A 167 -6.27 -14.24 -20.88
C GLY A 167 -6.95 -13.78 -19.60
N PHE A 168 -7.79 -12.75 -19.68
CA PHE A 168 -8.48 -12.26 -18.50
C PHE A 168 -9.30 -13.37 -17.87
N ASN A 169 -9.19 -13.48 -16.55
CA ASN A 169 -9.76 -14.54 -15.73
C ASN A 169 -9.23 -15.93 -16.06
N CYS A 170 -8.17 -16.03 -16.88
CA CYS A 170 -7.72 -17.32 -17.43
C CYS A 170 -6.21 -17.41 -17.33
N TYR A 171 -5.73 -17.97 -16.22
CA TYR A 171 -4.32 -17.91 -15.86
C TYR A 171 -3.70 -19.30 -15.97
N PHE A 172 -2.54 -19.36 -16.60
CA PHE A 172 -1.77 -20.59 -16.53
C PHE A 172 -1.40 -20.80 -15.07
N PRO A 173 -1.64 -21.99 -14.50
CA PRO A 173 -1.60 -22.14 -13.05
C PRO A 173 -0.23 -22.39 -12.44
N LEU A 174 0.83 -22.50 -13.22
CA LEU A 174 2.14 -22.77 -12.65
C LEU A 174 3.07 -21.61 -13.00
N GLN A 175 3.71 -20.99 -11.99
CA GLN A 175 4.76 -19.99 -12.22
C GLN A 175 6.14 -20.60 -11.97
N SER A 176 7.16 -19.80 -12.21
CA SER A 176 8.51 -20.25 -12.02
C SER A 176 9.20 -19.40 -10.96
N TYR A 177 10.03 -20.04 -10.15
CA TYR A 177 10.95 -19.30 -9.30
C TYR A 177 12.02 -18.64 -10.15
N GLY A 178 12.52 -17.48 -9.77
CA GLY A 178 13.61 -16.93 -10.59
C GLY A 178 14.83 -17.78 -10.44
N PHE A 179 15.23 -18.07 -9.21
CA PHE A 179 16.41 -18.90 -8.90
C PHE A 179 17.70 -18.47 -9.60
N GLN A 180 18.19 -17.29 -9.24
CA GLN A 180 19.51 -16.84 -9.73
C GLN A 180 20.45 -16.85 -8.54
N PRO A 181 21.78 -17.07 -8.67
CA PRO A 181 22.66 -17.18 -7.51
C PRO A 181 22.82 -15.84 -6.80
N THR A 182 22.34 -14.78 -7.45
CA THR A 182 22.46 -13.42 -6.88
C THR A 182 21.09 -13.05 -6.34
N TYR A 183 20.47 -13.96 -5.61
CA TYR A 183 19.17 -13.66 -4.99
C TYR A 183 19.42 -13.39 -3.52
N GLY A 184 18.39 -13.42 -2.69
CA GLY A 184 18.56 -13.05 -1.27
C GLY A 184 19.03 -14.26 -0.50
N VAL A 185 18.36 -14.61 0.60
CA VAL A 185 18.75 -15.78 1.44
C VAL A 185 17.56 -16.69 1.64
N GLY A 186 16.48 -16.15 2.19
CA GLY A 186 15.23 -16.92 2.31
C GLY A 186 14.50 -16.76 1.01
N TYR A 187 15.23 -16.45 -0.05
CA TYR A 187 14.63 -16.29 -1.39
C TYR A 187 15.49 -17.12 -2.35
N GLN A 188 16.40 -17.91 -1.81
CA GLN A 188 17.19 -18.77 -2.67
C GLN A 188 16.61 -20.18 -2.68
N PRO A 189 17.07 -21.03 -3.61
CA PRO A 189 16.55 -22.40 -3.68
C PRO A 189 17.02 -23.27 -2.50
N TYR A 190 16.07 -23.78 -1.75
CA TYR A 190 16.29 -24.85 -0.80
C TYR A 190 15.70 -26.15 -1.35
N ARG A 191 16.40 -27.25 -1.12
CA ARG A 191 15.87 -28.58 -1.41
C ARG A 191 15.31 -29.18 -0.14
N VAL A 192 14.14 -29.80 -0.25
CA VAL A 192 13.46 -30.36 0.90
C VAL A 192 13.37 -31.87 0.73
N VAL A 193 13.43 -32.58 1.85
CA VAL A 193 13.18 -34.02 1.87
C VAL A 193 12.32 -34.34 3.08
N VAL A 194 11.10 -34.83 2.82
CA VAL A 194 10.14 -35.15 3.87
C VAL A 194 10.14 -36.67 4.05
N LEU A 195 10.60 -37.14 5.20
CA LEU A 195 10.59 -38.56 5.54
C LEU A 195 9.38 -38.83 6.42
N SER A 196 8.41 -39.57 5.87
CA SER A 196 7.26 -40.03 6.63
C SER A 196 7.51 -41.45 7.12
N PHE A 197 7.04 -41.76 8.32
CA PHE A 197 7.22 -43.10 8.88
C PHE A 197 5.86 -43.71 9.16
N GLU A 198 5.44 -44.70 8.38
CA GLU A 198 4.14 -45.33 8.59
C GLU A 198 4.32 -46.70 9.23
N LEU A 199 3.39 -47.06 10.11
CA LEU A 199 3.37 -48.35 10.77
C LEU A 199 1.98 -48.95 10.58
N LEU A 200 1.90 -50.08 9.88
CA LEU A 200 0.64 -50.75 9.59
C LEU A 200 0.63 -52.14 10.21
N HIS A 201 -0.48 -52.86 10.03
CA HIS A 201 -0.57 -54.25 10.48
C HIS A 201 -0.04 -55.17 9.39
N ALA A 202 1.28 -55.09 9.22
CA ALA A 202 1.98 -55.74 8.11
C ALA A 202 3.46 -55.85 8.47
N PRO A 203 4.18 -56.81 7.88
CA PRO A 203 5.60 -57.01 8.26
C PRO A 203 6.44 -55.76 8.06
N ALA A 204 7.05 -55.28 9.16
CA ALA A 204 7.79 -54.03 9.18
C ALA A 204 9.25 -54.25 8.76
N THR A 205 9.66 -53.59 7.67
CA THR A 205 10.90 -53.91 6.96
C THR A 205 11.82 -52.69 6.75
N VAL A 206 11.80 -51.70 7.65
CA VAL A 206 12.80 -50.64 7.64
C VAL A 206 13.27 -50.38 9.06
N CYS A 207 14.29 -51.12 9.49
CA CYS A 207 14.80 -51.10 10.85
C CYS A 207 16.20 -50.51 10.86
N GLY A 208 16.76 -50.36 12.06
CA GLY A 208 18.14 -50.02 12.21
C GLY A 208 18.99 -51.26 12.50
N PRO A 209 20.30 -51.07 12.67
CA PRO A 209 21.21 -52.17 13.05
C PRO A 209 20.94 -52.79 14.43
N GLU B 1 -18.61 -5.15 -17.18
CA GLU B 1 -19.41 -5.41 -15.96
C GLU B 1 -18.48 -5.95 -14.88
N VAL B 2 -17.20 -6.12 -15.20
CA VAL B 2 -16.26 -6.51 -14.12
C VAL B 2 -16.33 -5.36 -13.12
N GLN B 3 -16.85 -5.61 -11.93
CA GLN B 3 -17.05 -4.48 -11.01
C GLN B 3 -16.94 -4.91 -9.56
N LEU B 4 -16.28 -4.09 -8.74
CA LEU B 4 -16.27 -4.32 -7.32
C LEU B 4 -16.94 -3.13 -6.64
N VAL B 5 -17.95 -3.41 -5.80
CA VAL B 5 -18.86 -2.40 -5.24
C VAL B 5 -18.71 -2.44 -3.72
N GLU B 6 -17.86 -1.56 -3.19
CA GLU B 6 -17.69 -1.49 -1.74
C GLU B 6 -18.93 -0.90 -1.09
N SER B 7 -19.04 -1.15 0.20
CA SER B 7 -20.13 -0.62 1.00
C SER B 7 -19.70 -0.67 2.44
N GLY B 8 -20.29 0.20 3.26
CA GLY B 8 -20.23 0.03 4.70
C GLY B 8 -19.13 0.76 5.43
N GLY B 9 -18.61 1.85 4.90
CA GLY B 9 -17.74 2.72 5.68
C GLY B 9 -18.56 3.63 6.55
N GLY B 10 -17.94 4.74 6.96
CA GLY B 10 -18.59 5.74 7.78
C GLY B 10 -17.79 6.01 9.02
N LEU B 11 -18.40 6.76 9.93
CA LEU B 11 -17.72 7.19 11.13
C LEU B 11 -17.95 6.22 12.27
N ILE B 12 -17.00 6.15 13.19
CA ILE B 12 -17.02 5.10 14.21
C ILE B 12 -16.18 5.56 15.38
N GLN B 13 -16.61 5.21 16.58
CA GLN B 13 -15.78 5.56 17.71
C GLN B 13 -14.64 4.56 17.87
N PRO B 14 -13.51 4.98 18.44
CA PRO B 14 -12.41 4.02 18.66
C PRO B 14 -12.83 2.96 19.64
N GLY B 15 -12.59 1.69 19.29
CA GLY B 15 -13.11 0.53 19.98
C GLY B 15 -14.32 -0.12 19.31
N GLY B 16 -14.93 0.55 18.35
CA GLY B 16 -16.14 0.07 17.70
C GLY B 16 -15.86 -0.87 16.54
N SER B 17 -16.94 -1.17 15.82
CA SER B 17 -16.89 -2.16 14.74
C SER B 17 -17.58 -1.63 13.49
N LEU B 18 -17.06 -2.04 12.35
CA LEU B 18 -17.64 -1.79 11.05
C LEU B 18 -17.54 -3.07 10.25
N ARG B 19 -18.52 -3.33 9.38
CA ARG B 19 -18.45 -4.44 8.43
C ARG B 19 -18.37 -3.84 7.03
N LEU B 20 -17.22 -4.00 6.39
CA LEU B 20 -17.08 -3.60 5.00
C LEU B 20 -17.58 -4.71 4.08
N SER B 21 -18.11 -4.31 2.92
CA SER B 21 -18.66 -5.23 1.95
C SER B 21 -18.10 -4.95 0.57
N CYS B 22 -17.97 -6.00 -0.24
CA CYS B 22 -17.40 -5.89 -1.58
C CYS B 22 -18.12 -6.91 -2.47
N ALA B 23 -19.16 -6.46 -3.18
CA ALA B 23 -19.96 -7.31 -4.06
C ALA B 23 -19.37 -7.30 -5.46
N ALA B 24 -19.26 -8.47 -6.06
CA ALA B 24 -18.49 -8.62 -7.28
C ALA B 24 -19.36 -9.04 -8.46
N SER B 25 -18.94 -8.60 -9.65
CA SER B 25 -19.53 -9.01 -10.92
C SER B 25 -18.42 -9.31 -11.90
N GLY B 26 -18.54 -10.38 -12.69
CA GLY B 26 -17.52 -10.69 -13.67
C GLY B 26 -16.29 -11.39 -13.14
N LEU B 27 -16.28 -11.83 -11.88
CA LEU B 27 -15.27 -12.75 -11.35
C LEU B 27 -15.90 -13.42 -10.16
N ILE B 28 -15.39 -14.61 -9.83
CA ILE B 28 -15.86 -15.33 -8.66
C ILE B 28 -14.86 -15.09 -7.53
N VAL B 29 -15.36 -14.53 -6.43
CA VAL B 29 -14.52 -14.28 -5.28
C VAL B 29 -13.95 -15.59 -4.75
N SER B 30 -14.83 -16.61 -4.60
CA SER B 30 -14.47 -17.97 -4.16
C SER B 30 -13.25 -18.54 -4.87
N SER B 31 -12.94 -18.03 -6.06
CA SER B 31 -11.95 -18.59 -6.97
C SER B 31 -10.73 -17.71 -7.09
N ASN B 32 -10.57 -16.76 -6.18
CA ASN B 32 -9.56 -15.73 -6.34
C ASN B 32 -8.88 -15.34 -5.05
N TYR B 33 -7.63 -14.93 -5.20
CA TYR B 33 -6.98 -14.11 -4.20
C TYR B 33 -7.67 -12.75 -4.06
N MET B 34 -8.41 -12.54 -2.98
CA MET B 34 -9.11 -11.29 -2.73
C MET B 34 -8.45 -10.54 -1.57
N SER B 35 -7.93 -9.34 -1.85
CA SER B 35 -7.30 -8.54 -0.81
C SER B 35 -8.12 -7.30 -0.46
N TRP B 36 -7.96 -6.83 0.78
CA TRP B 36 -8.33 -5.48 1.20
C TRP B 36 -7.04 -4.68 1.35
N VAL B 37 -6.99 -3.54 0.65
CA VAL B 37 -5.89 -2.59 0.74
C VAL B 37 -6.45 -1.23 1.17
N ARG B 38 -5.68 -0.50 1.99
CA ARG B 38 -6.10 0.78 2.54
C ARG B 38 -5.08 1.90 2.22
N GLN B 39 -5.60 3.13 2.09
CA GLN B 39 -4.77 4.30 1.73
C GLN B 39 -5.12 5.43 2.70
N ALA B 40 -4.18 5.80 3.56
CA ALA B 40 -4.46 6.81 4.59
C ALA B 40 -4.44 8.20 3.97
N PRO B 41 -5.14 9.18 4.57
CA PRO B 41 -5.11 10.53 4.05
C PRO B 41 -3.70 11.02 3.77
N GLY B 42 -3.37 11.22 2.49
CA GLY B 42 -2.06 11.79 2.11
C GLY B 42 -0.99 10.74 1.85
N LYS B 43 -1.20 9.51 2.29
CA LYS B 43 -0.13 8.49 2.17
C LYS B 43 -0.43 7.59 0.97
N GLY B 44 0.09 6.38 1.00
CA GLY B 44 -0.07 5.48 -0.16
C GLY B 44 -0.82 4.20 0.11
N LEU B 45 -0.56 3.16 -0.66
CA LEU B 45 -1.34 1.93 -0.60
C LEU B 45 -0.64 0.90 0.29
N GLU B 46 -1.30 0.54 1.38
CA GLU B 46 -0.76 -0.48 2.29
C GLU B 46 -1.68 -1.70 2.21
N TRP B 47 -1.13 -2.87 1.96
CA TRP B 47 -1.96 -4.08 1.91
C TRP B 47 -2.44 -4.46 3.32
N VAL B 48 -3.68 -4.93 3.43
CA VAL B 48 -4.32 -5.18 4.75
C VAL B 48 -4.48 -6.69 5.01
N SER B 49 -5.30 -7.37 4.21
CA SER B 49 -5.55 -8.80 4.43
C SER B 49 -6.03 -9.46 3.14
N VAL B 50 -5.93 -10.78 3.11
CA VAL B 50 -6.16 -11.51 1.87
C VAL B 50 -6.93 -12.78 2.18
N LEU B 51 -7.70 -13.22 1.19
CA LEU B 51 -8.55 -14.41 1.26
C LEU B 51 -8.19 -15.32 0.08
N TYR B 52 -7.32 -16.30 0.34
CA TYR B 52 -6.94 -17.28 -0.68
C TYR B 52 -8.18 -18.01 -1.20
N ALA B 53 -8.07 -18.56 -2.41
CA ALA B 53 -9.22 -19.26 -2.98
C ALA B 53 -9.63 -20.45 -2.12
N GLY B 54 -8.67 -21.08 -1.47
CA GLY B 54 -8.92 -22.22 -0.61
C GLY B 54 -9.38 -21.87 0.79
N GLY B 55 -9.38 -20.59 1.13
CA GLY B 55 -9.99 -20.12 2.36
C GLY B 55 -9.02 -19.63 3.40
N SER B 56 -7.73 -19.89 3.21
CA SER B 56 -6.70 -19.37 4.09
C SER B 56 -6.78 -17.85 4.13
N THR B 57 -6.25 -17.28 5.21
CA THR B 57 -6.35 -15.85 5.45
C THR B 57 -4.98 -15.37 5.88
N ASP B 58 -4.62 -14.15 5.48
CA ASP B 58 -3.43 -13.55 6.05
C ASP B 58 -3.70 -12.07 6.34
N TYR B 59 -2.96 -11.51 7.27
CA TYR B 59 -3.25 -10.17 7.70
C TYR B 59 -1.96 -9.42 7.95
N ALA B 60 -2.07 -8.10 7.82
CA ALA B 60 -0.97 -7.21 8.13
C ALA B 60 -0.67 -7.28 9.63
N GLY B 61 0.59 -7.04 9.98
CA GLY B 61 0.95 -7.02 11.39
C GLY B 61 0.02 -6.17 12.22
N SER B 62 -0.39 -5.02 11.67
CA SER B 62 -1.08 -4.02 12.47
C SER B 62 -2.51 -4.45 12.79
N VAL B 63 -3.20 -5.15 11.88
CA VAL B 63 -4.61 -5.45 12.13
C VAL B 63 -4.83 -6.87 12.60
N LYS B 64 -3.77 -7.70 12.65
CA LYS B 64 -3.92 -9.11 13.01
C LYS B 64 -4.65 -9.25 14.34
N GLY B 65 -5.72 -10.03 14.34
CA GLY B 65 -6.49 -10.24 15.55
C GLY B 65 -7.56 -9.21 15.81
N ARG B 66 -7.64 -8.17 14.98
CA ARG B 66 -8.75 -7.22 15.06
C ARG B 66 -9.65 -7.27 13.84
N PHE B 67 -9.11 -7.62 12.67
CA PHE B 67 -9.86 -7.76 11.44
C PHE B 67 -10.03 -9.25 11.10
N THR B 68 -11.18 -9.64 10.55
CA THR B 68 -11.37 -10.98 9.98
C THR B 68 -12.02 -10.86 8.59
N ILE B 69 -11.30 -11.31 7.58
CA ILE B 69 -11.78 -11.30 6.20
C ILE B 69 -12.51 -12.63 5.94
N SER B 70 -13.73 -12.53 5.42
CA SER B 70 -14.54 -13.73 5.11
C SER B 70 -15.16 -13.58 3.72
N ARG B 71 -16.17 -14.41 3.44
CA ARG B 71 -16.88 -14.30 2.16
C ARG B 71 -18.17 -15.11 2.22
N ASP B 72 -19.07 -14.77 1.31
CA ASP B 72 -20.30 -15.54 1.08
C ASP B 72 -20.35 -15.83 -0.42
N ASN B 73 -20.00 -17.07 -0.80
CA ASN B 73 -20.12 -17.50 -2.19
C ASN B 73 -21.52 -17.23 -2.72
N SER B 74 -22.55 -17.42 -1.88
CA SER B 74 -23.94 -17.20 -2.29
C SER B 74 -24.14 -15.83 -2.92
N LYS B 75 -23.81 -14.76 -2.20
CA LYS B 75 -23.95 -13.41 -2.71
C LYS B 75 -22.71 -12.92 -3.48
N ASN B 76 -21.73 -13.78 -3.73
CA ASN B 76 -20.48 -13.43 -4.42
C ASN B 76 -19.92 -12.12 -3.90
N THR B 77 -19.58 -12.12 -2.61
CA THR B 77 -19.26 -10.92 -1.86
C THR B 77 -18.07 -11.14 -0.94
N LEU B 78 -17.11 -10.21 -0.97
CA LEU B 78 -16.01 -10.21 -0.02
C LEU B 78 -16.37 -9.36 1.18
N TYR B 79 -15.96 -9.80 2.37
CA TYR B 79 -16.25 -9.07 3.59
C TYR B 79 -14.96 -8.74 4.36
N LEU B 80 -14.96 -7.62 5.09
CA LEU B 80 -13.92 -7.35 6.08
C LEU B 80 -14.56 -6.85 7.37
N GLN B 81 -14.50 -7.67 8.42
CA GLN B 81 -14.96 -7.27 9.75
C GLN B 81 -13.84 -6.55 10.48
N MET B 82 -14.10 -5.31 10.88
CA MET B 82 -13.11 -4.46 11.53
C MET B 82 -13.56 -4.20 12.96
N ASN B 83 -12.87 -4.81 13.92
CA ASN B 83 -13.20 -4.71 15.32
C ASN B 83 -12.12 -3.93 16.03
N SER B 84 -12.48 -3.36 17.17
CA SER B 84 -11.51 -2.70 18.04
C SER B 84 -10.71 -1.67 17.26
N LEU B 85 -11.43 -0.91 16.42
CA LEU B 85 -10.83 0.08 15.54
C LEU B 85 -10.07 1.14 16.32
N ARG B 86 -8.87 1.45 15.85
CA ARG B 86 -8.07 2.54 16.41
C ARG B 86 -8.10 3.75 15.46
N ALA B 87 -7.49 4.86 15.90
CA ALA B 87 -7.47 6.09 15.11
C ALA B 87 -6.75 5.89 13.77
N GLU B 88 -5.59 5.21 13.79
CA GLU B 88 -4.79 4.96 12.57
C GLU B 88 -5.51 4.14 11.51
N ASP B 89 -6.51 3.34 11.88
CA ASP B 89 -7.28 2.65 10.85
C ASP B 89 -8.07 3.60 9.97
N THR B 90 -8.07 4.91 10.28
CA THR B 90 -8.71 5.87 9.40
C THR B 90 -7.99 5.87 8.06
N ALA B 91 -8.75 5.52 7.01
CA ALA B 91 -8.27 5.51 5.64
C ALA B 91 -9.40 5.14 4.70
N VAL B 92 -9.08 4.98 3.43
CA VAL B 92 -9.99 4.47 2.42
C VAL B 92 -9.67 3.00 2.16
N TYR B 93 -10.72 2.18 2.04
CA TYR B 93 -10.54 0.73 1.94
C TYR B 93 -10.99 0.28 0.56
N TYR B 94 -10.02 -0.13 -0.23
CA TYR B 94 -10.26 -0.78 -1.50
C TYR B 94 -10.29 -2.29 -1.31
N CYS B 95 -11.23 -2.95 -1.97
CA CYS B 95 -11.15 -4.39 -2.19
C CYS B 95 -10.64 -4.60 -3.59
N ALA B 96 -9.85 -5.65 -3.80
CA ALA B 96 -9.21 -5.79 -5.09
C ALA B 96 -8.93 -7.25 -5.38
N ARG B 97 -8.85 -7.56 -6.66
CA ARG B 97 -8.54 -8.92 -7.09
C ARG B 97 -7.03 -8.98 -7.36
N ASP B 98 -6.33 -9.77 -6.57
CA ASP B 98 -4.91 -10.00 -6.83
C ASP B 98 -4.79 -11.15 -7.83
N ALA B 99 -4.50 -10.80 -9.08
CA ALA B 99 -4.16 -11.80 -10.08
C ALA B 99 -2.67 -12.03 -10.13
N ALA B 100 -2.02 -11.79 -9.00
CA ALA B 100 -0.67 -12.30 -8.77
C ALA B 100 0.23 -11.76 -9.86
N VAL B 101 0.85 -12.61 -10.67
CA VAL B 101 1.86 -12.12 -11.57
C VAL B 101 1.25 -11.22 -12.62
N TYR B 102 -0.04 -11.38 -12.92
CA TYR B 102 -0.74 -10.63 -13.95
C TYR B 102 -1.31 -9.29 -13.46
N GLY B 103 -1.05 -8.93 -12.20
CA GLY B 103 -1.37 -7.64 -11.63
C GLY B 103 -2.59 -7.67 -10.73
N ILE B 104 -2.73 -6.62 -9.91
CA ILE B 104 -3.98 -6.32 -9.22
C ILE B 104 -4.89 -5.56 -10.18
N ASP B 105 -5.60 -6.29 -11.07
CA ASP B 105 -6.27 -5.70 -12.23
C ASP B 105 -7.69 -5.18 -11.98
N VAL B 106 -8.32 -5.54 -10.87
CA VAL B 106 -9.72 -5.17 -10.63
C VAL B 106 -9.86 -4.58 -9.24
N TRP B 107 -10.26 -3.32 -9.14
CA TRP B 107 -10.34 -2.62 -7.87
C TRP B 107 -11.76 -2.14 -7.61
N GLY B 108 -12.10 -2.07 -6.35
CA GLY B 108 -13.32 -1.42 -5.95
C GLY B 108 -13.22 0.11 -5.98
N GLN B 109 -14.39 0.74 -5.83
CA GLN B 109 -14.47 2.19 -5.85
C GLN B 109 -13.80 2.84 -4.63
N GLY B 110 -13.67 2.12 -3.52
CA GLY B 110 -13.26 2.69 -2.26
C GLY B 110 -14.44 2.91 -1.31
N THR B 111 -14.14 2.89 0.00
CA THR B 111 -15.11 3.35 0.97
C THR B 111 -14.31 3.95 2.11
N THR B 112 -14.79 5.07 2.65
CA THR B 112 -13.99 5.78 3.64
C THR B 112 -14.38 5.31 5.02
N VAL B 113 -13.38 5.13 5.87
CA VAL B 113 -13.57 4.70 7.25
C VAL B 113 -12.83 5.69 8.16
N THR B 114 -13.59 6.42 8.98
CA THR B 114 -13.02 7.41 9.89
C THR B 114 -13.23 6.94 11.32
N VAL B 115 -12.13 6.69 12.02
CA VAL B 115 -12.16 6.39 13.43
C VAL B 115 -11.71 7.66 14.17
N SER B 116 -12.62 8.29 14.92
CA SER B 116 -12.24 9.36 15.83
C SER B 116 -13.11 9.35 17.07
N SER B 117 -12.54 9.85 18.17
CA SER B 117 -13.29 10.09 19.39
C SER B 117 -13.93 11.46 19.39
N ALA B 118 -13.90 12.15 18.26
CA ALA B 118 -14.28 13.55 18.23
C ALA B 118 -15.79 13.66 18.15
N SER B 119 -16.37 14.53 18.99
CA SER B 119 -17.76 14.94 18.78
C SER B 119 -17.84 15.83 17.57
N THR B 120 -18.85 15.61 16.72
CA THR B 120 -18.94 16.42 15.50
C THR B 120 -19.28 17.86 15.91
N LYS B 121 -18.57 18.82 15.35
CA LYS B 121 -18.73 20.21 15.76
C LYS B 121 -18.57 21.10 14.53
N GLY B 122 -19.42 22.14 14.43
CA GLY B 122 -19.37 23.13 13.36
C GLY B 122 -18.19 24.06 13.53
N PRO B 123 -17.73 24.68 12.45
CA PRO B 123 -16.49 25.47 12.54
C PRO B 123 -16.75 26.83 13.13
N SER B 124 -15.65 27.48 13.53
CA SER B 124 -15.59 28.92 13.75
C SER B 124 -14.97 29.60 12.53
N VAL B 125 -15.45 30.79 12.20
CA VAL B 125 -14.95 31.49 11.02
C VAL B 125 -14.39 32.82 11.47
N PHE B 126 -13.10 32.97 11.36
CA PHE B 126 -12.40 34.16 11.72
C PHE B 126 -11.88 34.82 10.47
N PRO B 127 -11.74 36.14 10.45
CA PRO B 127 -11.28 36.82 9.23
C PRO B 127 -9.76 36.83 9.11
N LEU B 128 -9.25 36.33 7.99
CA LEU B 128 -7.88 36.63 7.59
C LEU B 128 -7.94 37.97 6.87
N ALA B 129 -7.76 39.07 7.68
CA ALA B 129 -8.01 40.44 7.24
C ALA B 129 -6.85 40.98 6.39
N PRO B 130 -7.16 41.75 5.33
CA PRO B 130 -6.11 42.29 4.46
C PRO B 130 -5.36 43.43 5.13
N SER B 131 -4.09 43.58 4.76
CA SER B 131 -3.22 44.53 5.44
C SER B 131 -3.05 45.78 4.57
N SER B 132 -2.14 46.67 5.00
CA SER B 132 -1.80 47.91 4.31
C SER B 132 -0.31 47.99 4.02
N GLY B 138 -0.46 47.25 -5.23
CA GLY B 138 -0.99 46.44 -6.31
C GLY B 138 -2.18 45.57 -5.93
N THR B 139 -1.89 44.39 -5.37
CA THR B 139 -2.89 43.38 -5.07
C THR B 139 -2.85 42.99 -3.59
N ALA B 140 -4.02 42.77 -3.00
CA ALA B 140 -4.16 42.44 -1.60
C ALA B 140 -4.72 41.04 -1.40
N ALA B 141 -4.30 40.38 -0.34
CA ALA B 141 -4.83 39.06 -0.03
C ALA B 141 -5.66 39.12 1.25
N LEU B 142 -6.73 38.33 1.26
CA LEU B 142 -7.64 38.26 2.40
C LEU B 142 -8.31 36.91 2.35
N GLY B 143 -8.89 36.52 3.48
CA GLY B 143 -9.55 35.23 3.52
C GLY B 143 -10.30 34.98 4.80
N CYS B 144 -10.69 33.72 4.95
CA CYS B 144 -11.36 33.20 6.11
C CYS B 144 -10.53 32.07 6.67
N LEU B 145 -10.58 31.91 7.99
CA LEU B 145 -10.01 30.76 8.68
C LEU B 145 -11.20 29.97 9.22
N VAL B 146 -11.36 28.73 8.78
CA VAL B 146 -12.48 27.86 9.22
C VAL B 146 -11.87 26.91 10.23
N LYS B 147 -11.99 27.24 11.52
CA LYS B 147 -11.26 26.46 12.55
C LYS B 147 -12.15 25.58 13.41
N ASP B 148 -11.59 24.50 13.93
CA ASP B 148 -12.27 23.60 14.87
C ASP B 148 -13.55 22.95 14.37
N TYR B 149 -13.45 22.12 13.34
CA TYR B 149 -14.63 21.37 12.87
C TYR B 149 -14.43 19.86 12.77
N PHE B 150 -15.49 19.12 13.00
CA PHE B 150 -15.44 17.66 12.81
C PHE B 150 -16.84 17.29 12.32
N PRO B 151 -17.12 16.27 11.45
CA PRO B 151 -16.13 15.55 10.66
C PRO B 151 -16.03 16.24 9.31
N GLU B 152 -15.20 15.78 8.42
CA GLU B 152 -15.24 16.52 7.17
C GLU B 152 -16.45 16.11 6.36
N PRO B 153 -16.83 16.87 5.33
CA PRO B 153 -16.32 18.04 4.60
C PRO B 153 -16.82 19.40 5.08
N VAL B 154 -16.21 20.45 4.54
CA VAL B 154 -16.63 21.84 4.70
C VAL B 154 -16.40 22.53 3.36
N THR B 155 -17.46 22.95 2.69
CA THR B 155 -17.25 23.71 1.46
C THR B 155 -17.23 25.20 1.79
N VAL B 156 -16.62 25.98 0.90
CA VAL B 156 -16.48 27.42 1.10
C VAL B 156 -16.61 28.16 -0.22
N SER B 157 -17.48 29.17 -0.25
CA SER B 157 -17.63 30.08 -1.39
C SER B 157 -17.43 31.51 -0.94
N TRP B 158 -17.21 32.42 -1.91
CA TRP B 158 -17.13 33.85 -1.63
C TRP B 158 -18.22 34.60 -2.37
N ASN B 159 -18.83 35.56 -1.68
CA ASN B 159 -19.86 36.43 -2.25
C ASN B 159 -20.94 35.61 -2.94
N SER B 160 -21.29 34.46 -2.35
CA SER B 160 -22.41 33.64 -2.78
C SER B 160 -22.24 33.10 -4.19
N GLY B 161 -21.01 33.10 -4.70
CA GLY B 161 -20.70 32.50 -6.00
C GLY B 161 -20.18 33.47 -7.03
N ALA B 162 -20.39 34.78 -6.83
CA ALA B 162 -19.91 35.79 -7.75
C ALA B 162 -18.49 36.25 -7.45
N LEU B 163 -17.72 35.43 -6.75
CA LEU B 163 -16.29 35.67 -6.57
C LEU B 163 -15.62 34.30 -6.62
N THR B 164 -14.98 34.03 -7.73
CA THR B 164 -14.31 32.76 -7.97
C THR B 164 -12.87 32.99 -8.34
N SER B 165 -12.57 34.09 -9.02
CA SER B 165 -11.23 34.32 -9.55
C SER B 165 -10.25 34.61 -8.42
N GLY B 166 -9.17 33.84 -8.39
CA GLY B 166 -8.13 34.06 -7.39
C GLY B 166 -8.41 33.45 -6.05
N VAL B 167 -9.53 32.72 -5.91
CA VAL B 167 -9.90 32.03 -4.67
C VAL B 167 -9.03 30.81 -4.49
N HIS B 168 -8.66 30.52 -3.25
CA HIS B 168 -7.94 29.30 -2.92
C HIS B 168 -8.48 28.74 -1.60
N THR B 169 -9.18 27.62 -1.66
CA THR B 169 -9.69 26.96 -0.47
C THR B 169 -8.78 25.76 -0.20
N PHE B 170 -8.07 25.81 0.91
CA PHE B 170 -7.03 24.84 1.12
C PHE B 170 -7.61 23.50 1.57
N PRO B 171 -6.89 22.40 1.36
CA PRO B 171 -7.29 21.13 1.99
C PRO B 171 -7.17 21.23 3.51
N ALA B 172 -8.09 20.58 4.21
CA ALA B 172 -8.06 20.66 5.66
C ALA B 172 -6.85 19.91 6.25
N VAL B 173 -6.44 20.34 7.43
CA VAL B 173 -5.49 19.59 8.24
C VAL B 173 -6.21 19.13 9.50
N LEU B 174 -5.93 17.92 9.93
CA LEU B 174 -6.43 17.45 11.19
C LEU B 174 -5.51 17.94 12.29
N GLN B 175 -6.03 18.78 13.17
CA GLN B 175 -5.22 19.29 14.26
C GLN B 175 -5.01 18.21 15.32
N SER B 176 -4.14 18.53 16.28
CA SER B 176 -3.83 17.61 17.35
C SER B 176 -4.98 17.40 18.31
N SER B 177 -6.04 18.23 18.26
CA SER B 177 -7.26 18.02 19.02
C SER B 177 -8.20 17.05 18.35
N GLY B 178 -7.80 16.41 17.27
CA GLY B 178 -8.73 15.58 16.55
C GLY B 178 -9.75 16.33 15.73
N LEU B 179 -9.61 17.66 15.58
CA LEU B 179 -10.52 18.50 14.80
C LEU B 179 -9.86 19.04 13.54
N TYR B 180 -10.61 19.09 12.44
CA TYR B 180 -10.07 19.61 11.20
C TYR B 180 -10.11 21.13 11.19
N SER B 181 -9.34 21.71 10.28
CA SER B 181 -9.32 23.16 10.21
C SER B 181 -8.66 23.61 8.90
N LEU B 182 -9.38 24.38 8.09
CA LEU B 182 -8.86 24.91 6.82
C LEU B 182 -9.03 26.42 6.78
N SER B 183 -8.44 27.00 5.75
CA SER B 183 -8.53 28.42 5.52
C SER B 183 -8.66 28.62 4.01
N SER B 184 -9.45 29.61 3.63
CA SER B 184 -9.72 29.92 2.24
C SER B 184 -9.31 31.36 2.01
N VAL B 185 -8.46 31.60 0.99
CA VAL B 185 -7.96 32.94 0.68
C VAL B 185 -8.41 33.37 -0.71
N VAL B 186 -8.33 34.68 -0.97
CA VAL B 186 -8.56 35.21 -2.31
C VAL B 186 -7.75 36.49 -2.47
N THR B 187 -7.30 36.76 -3.70
CA THR B 187 -6.54 37.96 -4.02
C THR B 187 -7.40 38.92 -4.84
N VAL B 188 -7.44 40.17 -4.41
CA VAL B 188 -8.32 41.18 -5.01
C VAL B 188 -7.57 42.50 -5.16
N PRO B 189 -8.05 43.36 -6.04
CA PRO B 189 -7.46 44.69 -6.18
C PRO B 189 -7.38 45.40 -4.83
N SER B 190 -6.22 46.00 -4.55
CA SER B 190 -6.10 46.83 -3.36
C SER B 190 -7.16 47.91 -3.37
N SER B 191 -7.45 48.44 -4.56
CA SER B 191 -8.35 49.57 -4.71
C SER B 191 -9.77 49.25 -4.24
N SER B 192 -10.21 47.99 -4.33
CA SER B 192 -11.58 47.66 -4.00
C SER B 192 -11.82 47.49 -2.50
N LEU B 193 -10.77 47.54 -1.68
CA LEU B 193 -10.89 47.14 -0.28
C LEU B 193 -11.93 47.97 0.47
N GLY B 194 -11.79 49.29 0.42
CA GLY B 194 -12.79 50.07 1.10
C GLY B 194 -14.13 50.21 0.39
N THR B 195 -14.29 49.56 -0.76
CA THR B 195 -15.43 49.81 -1.63
C THR B 195 -16.32 48.60 -1.79
N GLN B 196 -15.72 47.46 -2.13
CA GLN B 196 -16.39 46.21 -2.44
C GLN B 196 -16.42 45.32 -1.21
N THR B 197 -17.51 44.58 -1.05
CA THR B 197 -17.72 43.77 0.14
C THR B 197 -17.37 42.32 -0.12
N TYR B 198 -16.47 41.78 0.71
CA TYR B 198 -15.99 40.41 0.60
C TYR B 198 -16.51 39.62 1.80
N ILE B 199 -17.36 38.63 1.52
CA ILE B 199 -18.00 37.76 2.51
C ILE B 199 -17.71 36.33 2.13
N CYS B 200 -17.36 35.50 3.11
CA CYS B 200 -17.15 34.08 2.85
C CYS B 200 -18.32 33.25 3.38
N ASN B 201 -18.71 32.23 2.61
CA ASN B 201 -19.88 31.41 2.89
C ASN B 201 -19.38 30.02 3.23
N VAL B 202 -19.29 29.71 4.51
CA VAL B 202 -18.93 28.37 4.96
C VAL B 202 -20.19 27.54 5.16
N ASN B 203 -20.16 26.31 4.69
CA ASN B 203 -21.24 25.37 4.91
C ASN B 203 -20.66 24.09 5.48
N HIS B 204 -21.23 23.61 6.58
CA HIS B 204 -20.79 22.40 7.25
C HIS B 204 -22.02 21.56 7.52
N LYS B 205 -22.41 20.75 6.52
CA LYS B 205 -23.67 20.02 6.61
C LYS B 205 -23.73 19.04 7.79
N PRO B 206 -22.65 18.39 8.23
CA PRO B 206 -22.77 17.51 9.41
C PRO B 206 -23.38 18.17 10.64
N SER B 207 -23.17 19.47 10.85
CA SER B 207 -23.75 20.14 12.01
C SER B 207 -24.80 21.17 11.64
N ASN B 208 -25.28 21.14 10.38
CA ASN B 208 -26.25 22.14 9.89
C ASN B 208 -25.77 23.56 10.20
N THR B 209 -24.47 23.77 10.05
CA THR B 209 -23.85 25.05 10.30
C THR B 209 -23.64 25.76 8.97
N LYS B 210 -24.23 26.95 8.84
CA LYS B 210 -24.03 27.79 7.68
C LYS B 210 -23.66 29.16 8.22
N VAL B 211 -22.46 29.63 7.86
CA VAL B 211 -21.90 30.89 8.36
C VAL B 211 -21.49 31.77 7.19
N ASP B 212 -21.89 33.04 7.24
CA ASP B 212 -21.31 34.07 6.39
C ASP B 212 -20.54 35.03 7.30
N LYS B 213 -19.27 35.27 6.98
CA LYS B 213 -18.46 36.26 7.70
C LYS B 213 -17.90 37.25 6.69
N LYS B 214 -18.09 38.54 6.95
CA LYS B 214 -17.60 39.59 6.09
C LYS B 214 -16.21 40.02 6.58
N VAL B 215 -15.23 39.97 5.69
CA VAL B 215 -13.84 40.32 6.00
C VAL B 215 -13.63 41.79 5.63
N GLU B 216 -13.12 42.57 6.57
CA GLU B 216 -12.90 43.98 6.38
C GLU B 216 -11.48 44.34 6.75
N PRO B 217 -10.97 45.47 6.27
CA PRO B 217 -9.64 45.92 6.70
C PRO B 217 -9.66 46.26 8.17
N LYS B 218 -8.55 46.02 8.85
CA LYS B 218 -8.46 46.32 10.28
C LYS B 218 -7.92 47.73 10.50
N SER B 219 -8.36 48.37 11.61
CA SER B 219 -7.98 49.73 12.01
C SER B 219 -6.48 49.97 12.26
N ASP C 1 10.93 -9.20 4.24
CA ASP C 1 10.08 -8.15 3.68
C ASP C 1 10.79 -7.31 2.64
N ILE C 2 10.23 -7.25 1.43
CA ILE C 2 10.79 -6.42 0.36
C ILE C 2 10.24 -5.00 0.46
N GLN C 3 11.13 -4.02 0.38
CA GLN C 3 10.78 -2.60 0.43
C GLN C 3 10.99 -1.97 -0.95
N MET C 4 9.96 -1.29 -1.45
CA MET C 4 10.01 -0.63 -2.75
C MET C 4 10.23 0.87 -2.58
N THR C 5 11.19 1.39 -3.35
CA THR C 5 11.51 2.83 -3.33
C THR C 5 11.31 3.40 -4.73
N GLN C 6 10.73 4.59 -4.85
CA GLN C 6 10.52 5.24 -6.17
C GLN C 6 11.36 6.52 -6.17
N SER C 7 12.10 6.77 -7.25
CA SER C 7 13.08 7.89 -7.22
C SER C 7 12.58 9.32 -7.23
N PRO C 8 11.96 9.88 -8.30
CA PRO C 8 11.60 11.28 -8.26
C PRO C 8 10.25 11.28 -7.54
N SER C 9 10.19 11.75 -6.30
CA SER C 9 8.90 11.84 -5.59
C SER C 9 7.94 12.68 -6.40
N SER C 10 8.47 13.70 -7.07
CA SER C 10 7.65 14.54 -7.95
C SER C 10 8.52 14.94 -9.13
N LEU C 11 8.00 14.83 -10.34
CA LEU C 11 8.74 15.35 -11.46
C LEU C 11 7.77 16.09 -12.37
N SER C 12 8.30 17.08 -13.10
CA SER C 12 7.51 17.94 -13.97
C SER C 12 7.72 17.58 -15.43
N ALA C 13 6.68 17.80 -16.23
CA ALA C 13 6.65 17.38 -17.62
C ALA C 13 5.55 18.13 -18.35
N SER C 14 5.75 18.35 -19.66
CA SER C 14 4.77 18.99 -20.52
C SER C 14 4.16 17.95 -21.47
N VAL C 15 3.03 18.30 -22.08
CA VAL C 15 2.35 17.33 -22.94
C VAL C 15 3.28 16.99 -24.10
N GLY C 16 3.28 15.74 -24.50
CA GLY C 16 4.18 15.30 -25.54
C GLY C 16 5.60 14.95 -25.11
N ASP C 17 5.97 15.21 -23.86
CA ASP C 17 7.30 14.83 -23.39
C ASP C 17 7.41 13.31 -23.26
N ARG C 18 8.64 12.85 -23.05
CA ARG C 18 8.94 11.45 -22.78
C ARG C 18 9.33 11.32 -21.30
N VAL C 19 8.41 10.75 -20.52
CA VAL C 19 8.49 10.73 -19.06
C VAL C 19 8.97 9.37 -18.57
N THR C 20 9.86 9.38 -17.59
CA THR C 20 10.47 8.15 -17.10
C THR C 20 10.41 8.07 -15.57
N ILE C 21 9.56 7.21 -15.08
CA ILE C 21 9.45 6.87 -13.67
C ILE C 21 10.40 5.72 -13.41
N THR C 22 10.98 5.68 -12.22
CA THR C 22 11.74 4.51 -11.81
C THR C 22 11.24 3.96 -10.48
N CYS C 23 11.58 2.69 -10.26
CA CYS C 23 11.23 1.91 -9.09
C CYS C 23 12.45 1.07 -8.75
N ARG C 24 12.62 0.75 -7.47
CA ARG C 24 13.75 -0.07 -7.05
C ARG C 24 13.37 -0.96 -5.89
N ALA C 25 13.69 -2.24 -6.00
CA ALA C 25 13.42 -3.21 -4.95
C ALA C 25 14.64 -3.40 -4.07
N SER C 26 14.41 -3.79 -2.81
CA SER C 26 15.51 -4.03 -1.86
C SER C 26 16.23 -5.36 -2.10
N GLN C 27 15.58 -6.31 -2.77
CA GLN C 27 16.18 -7.55 -3.25
C GLN C 27 15.85 -7.70 -4.71
N SER C 28 16.48 -8.66 -5.38
CA SER C 28 16.10 -8.93 -6.79
C SER C 28 14.75 -9.66 -6.79
N ILE C 29 13.79 -9.15 -7.56
CA ILE C 29 12.42 -9.74 -7.62
C ILE C 29 12.21 -10.17 -9.06
N SER C 30 13.30 -10.17 -9.84
CA SER C 30 13.24 -10.55 -11.27
C SER C 30 12.28 -9.61 -11.97
N SER C 31 11.19 -10.13 -12.49
CA SER C 31 10.28 -9.30 -13.30
C SER C 31 8.89 -9.29 -12.69
N TYR C 32 8.80 -9.59 -11.39
CA TYR C 32 7.51 -9.58 -10.71
C TYR C 32 7.23 -8.16 -10.20
N LEU C 33 6.72 -7.32 -11.09
CA LEU C 33 6.63 -5.89 -10.78
C LEU C 33 5.59 -5.24 -11.66
N ASN C 34 4.59 -4.62 -11.04
CA ASN C 34 3.51 -3.97 -11.77
C ASN C 34 3.48 -2.49 -11.48
N TRP C 35 2.98 -1.74 -12.47
CA TRP C 35 2.83 -0.28 -12.41
C TRP C 35 1.36 0.11 -12.35
N TYR C 36 1.06 1.12 -11.53
CA TYR C 36 -0.30 1.61 -11.35
C TYR C 36 -0.37 3.13 -11.50
N GLN C 37 -1.51 3.59 -12.00
CA GLN C 37 -1.83 5.00 -12.07
C GLN C 37 -2.96 5.31 -11.10
N GLN C 38 -2.87 6.45 -10.41
CA GLN C 38 -3.93 6.93 -9.52
C GLN C 38 -4.12 8.43 -9.72
N LYS C 39 -5.42 8.84 -9.99
CA LYS C 39 -5.75 10.26 -10.03
C LYS C 39 -6.44 10.63 -8.73
N PRO C 40 -6.30 11.86 -8.21
CA PRO C 40 -6.92 12.20 -6.92
C PRO C 40 -8.38 11.76 -6.82
N GLY C 41 -8.69 11.00 -5.77
CA GLY C 41 -10.06 10.61 -5.46
C GLY C 41 -10.62 9.38 -6.17
N LYS C 42 -9.85 8.75 -7.06
CA LYS C 42 -10.26 7.55 -7.77
C LYS C 42 -9.34 6.40 -7.38
N ALA C 43 -9.72 5.18 -7.79
CA ALA C 43 -8.97 3.99 -7.42
C ALA C 43 -7.73 3.82 -8.31
N PRO C 44 -6.76 3.01 -7.89
CA PRO C 44 -5.66 2.68 -8.78
C PRO C 44 -6.14 1.98 -10.06
N LYS C 45 -5.28 2.01 -11.09
CA LYS C 45 -5.58 1.49 -12.42
C LYS C 45 -4.32 0.80 -12.92
N LEU C 46 -4.38 -0.51 -13.19
CA LEU C 46 -3.18 -1.27 -13.53
C LEU C 46 -2.67 -0.94 -14.94
N LEU C 47 -1.37 -0.67 -15.05
CA LEU C 47 -0.73 -0.18 -16.27
C LEU C 47 0.16 -1.20 -16.95
N ILE C 48 1.10 -1.77 -16.21
CA ILE C 48 2.04 -2.77 -16.67
C ILE C 48 2.02 -3.90 -15.65
N TYR C 49 1.97 -5.12 -16.17
CA TYR C 49 2.11 -6.33 -15.32
C TYR C 49 3.38 -7.01 -15.80
N ALA C 50 4.00 -7.82 -14.95
CA ALA C 50 5.19 -8.59 -15.35
C ALA C 50 6.28 -7.68 -15.89
N ALA C 51 6.50 -6.52 -15.29
CA ALA C 51 7.59 -5.59 -15.66
C ALA C 51 7.40 -4.97 -17.03
N SER C 52 6.98 -5.72 -18.04
CA SER C 52 6.92 -5.17 -19.41
C SER C 52 5.61 -5.40 -20.15
N SER C 53 4.72 -6.24 -19.63
CA SER C 53 3.53 -6.53 -20.44
C SER C 53 2.45 -5.45 -20.29
N LEU C 54 2.00 -4.90 -21.42
CA LEU C 54 0.94 -3.90 -21.40
C LEU C 54 -0.39 -4.52 -20.95
N GLN C 55 -1.08 -3.87 -20.02
CA GLN C 55 -2.41 -4.34 -19.62
C GLN C 55 -3.42 -4.00 -20.71
N SER C 56 -4.49 -4.80 -20.75
CA SER C 56 -5.50 -4.61 -21.78
C SER C 56 -6.11 -3.23 -21.68
N GLY C 57 -6.39 -2.63 -22.83
CA GLY C 57 -7.12 -1.39 -22.84
C GLY C 57 -6.38 -0.21 -22.26
N VAL C 58 -5.06 -0.31 -22.15
CA VAL C 58 -4.21 0.80 -21.72
C VAL C 58 -3.48 1.30 -22.95
N PRO C 59 -3.42 2.61 -23.17
CA PRO C 59 -2.82 3.13 -24.40
C PRO C 59 -1.40 2.61 -24.64
N SER C 60 -1.10 2.37 -25.91
CA SER C 60 0.20 1.85 -26.29
C SER C 60 1.36 2.75 -25.93
N ARG C 61 1.13 3.98 -25.46
CA ARG C 61 2.27 4.82 -25.12
C ARG C 61 2.91 4.43 -23.79
N PHE C 62 2.27 3.52 -23.06
CA PHE C 62 2.80 3.04 -21.79
C PHE C 62 3.67 1.81 -22.00
N SER C 63 4.80 1.79 -21.29
CA SER C 63 5.76 0.72 -21.49
C SER C 63 6.52 0.51 -20.19
N GLY C 64 6.88 -0.75 -19.94
CA GLY C 64 7.62 -1.11 -18.75
C GLY C 64 8.96 -1.73 -19.13
N SER C 65 9.94 -1.55 -18.27
CA SER C 65 11.24 -2.17 -18.49
C SER C 65 11.90 -2.42 -17.14
N GLY C 66 12.81 -3.38 -17.13
CA GLY C 66 13.53 -3.70 -15.89
C GLY C 66 13.46 -5.17 -15.54
N SER C 67 14.44 -5.67 -14.79
CA SER C 67 14.46 -7.09 -14.35
C SER C 67 15.49 -7.24 -13.24
N GLY C 68 15.04 -7.21 -12.00
CA GLY C 68 15.96 -7.42 -10.87
C GLY C 68 15.67 -6.48 -9.75
N THR C 69 16.46 -5.42 -9.66
CA THR C 69 16.29 -4.44 -8.59
C THR C 69 15.80 -3.13 -9.18
N ASP C 70 15.84 -2.95 -10.49
CA ASP C 70 15.53 -1.64 -11.04
C ASP C 70 14.60 -1.76 -12.24
N PHE C 71 13.62 -0.85 -12.32
CA PHE C 71 12.58 -0.87 -13.33
C PHE C 71 12.25 0.55 -13.75
N THR C 72 11.50 0.65 -14.84
CA THR C 72 11.25 1.94 -15.47
C THR C 72 9.89 1.92 -16.14
N LEU C 73 9.02 2.84 -15.74
CA LEU C 73 7.80 3.13 -16.48
C LEU C 73 8.10 4.30 -17.40
N THR C 74 7.78 4.13 -18.67
CA THR C 74 8.04 5.15 -19.67
C THR C 74 6.72 5.52 -20.32
N ILE C 75 6.40 6.81 -20.33
CA ILE C 75 5.34 7.32 -21.19
C ILE C 75 5.98 7.93 -22.42
N SER C 76 5.64 7.34 -23.57
CA SER C 76 6.28 7.68 -24.83
C SER C 76 6.02 9.15 -25.23
N SER C 77 4.76 9.60 -25.16
CA SER C 77 4.39 11.00 -25.40
C SER C 77 3.33 11.41 -24.37
N LEU C 78 3.76 12.06 -23.27
CA LEU C 78 2.86 12.42 -22.17
C LEU C 78 1.63 13.18 -22.67
N GLN C 79 0.46 12.71 -22.28
CA GLN C 79 -0.80 13.28 -22.73
C GLN C 79 -1.56 13.91 -21.56
N PRO C 80 -2.51 14.83 -21.85
CA PRO C 80 -3.07 15.69 -20.78
C PRO C 80 -3.70 14.93 -19.63
N GLU C 81 -4.39 13.81 -19.90
CA GLU C 81 -5.00 12.97 -18.88
C GLU C 81 -3.99 12.08 -18.16
N ASP C 82 -2.70 12.20 -18.47
CA ASP C 82 -1.68 11.41 -17.82
C ASP C 82 -1.11 12.08 -16.60
N PHE C 83 -1.65 13.22 -16.17
CA PHE C 83 -1.07 13.89 -15.01
C PHE C 83 -1.67 13.21 -13.79
N ALA C 84 -0.82 12.57 -13.01
CA ALA C 84 -1.25 11.57 -12.05
C ALA C 84 -0.08 11.20 -11.17
N THR C 85 -0.33 10.23 -10.29
CA THR C 85 0.67 9.62 -9.44
C THR C 85 0.83 8.16 -9.86
N TYR C 86 2.07 7.71 -10.05
CA TYR C 86 2.36 6.37 -10.58
C TYR C 86 3.08 5.53 -9.54
N TYR C 87 2.52 4.37 -9.22
CA TYR C 87 3.03 3.50 -8.19
C TYR C 87 3.56 2.21 -8.79
N CYS C 88 4.64 1.68 -8.22
CA CYS C 88 5.08 0.34 -8.53
C CYS C 88 4.71 -0.60 -7.40
N GLN C 89 4.55 -1.87 -7.76
CA GLN C 89 4.13 -2.88 -6.82
C GLN C 89 4.73 -4.21 -7.25
N GLN C 90 5.38 -4.88 -6.30
CA GLN C 90 6.00 -6.17 -6.55
C GLN C 90 4.97 -7.27 -6.31
N SER C 91 5.05 -8.30 -7.14
CA SER C 91 4.13 -9.46 -7.03
C SER C 91 5.00 -10.67 -6.74
N TYR C 92 6.15 -10.45 -6.13
CA TYR C 92 7.09 -11.56 -5.85
C TYR C 92 6.59 -12.33 -4.65
N THR C 93 6.04 -11.62 -3.67
CA THR C 93 5.60 -12.26 -2.41
C THR C 93 4.08 -12.40 -2.44
N THR C 94 3.51 -12.63 -3.62
CA THR C 94 2.05 -12.84 -3.74
C THR C 94 1.62 -13.80 -2.64
N PRO C 95 0.56 -13.53 -1.86
CA PRO C 95 -0.35 -12.42 -2.11
C PRO C 95 -0.16 -11.25 -1.15
N LEU C 96 1.04 -11.14 -0.59
CA LEU C 96 1.35 -10.05 0.35
C LEU C 96 2.20 -9.04 -0.39
N PHE C 97 1.59 -8.26 -1.28
CA PHE C 97 2.31 -7.27 -2.07
C PHE C 97 2.66 -6.08 -1.23
N THR C 98 3.72 -5.40 -1.60
CA THR C 98 4.07 -4.10 -1.03
C THR C 98 4.24 -3.10 -2.16
N PHE C 99 3.82 -1.85 -1.90
CA PHE C 99 3.82 -0.82 -2.93
C PHE C 99 5.01 0.11 -2.85
N GLY C 100 5.16 0.89 -3.90
CA GLY C 100 6.07 2.01 -3.86
C GLY C 100 5.44 3.19 -3.17
N PRO C 101 6.29 4.20 -2.88
CA PRO C 101 5.78 5.43 -2.24
C PRO C 101 5.03 6.35 -3.18
N GLY C 102 5.22 6.19 -4.49
CA GLY C 102 4.61 6.93 -5.57
C GLY C 102 5.57 7.90 -6.20
N THR C 103 5.34 8.18 -7.49
CA THR C 103 5.87 9.35 -8.20
C THR C 103 4.68 10.15 -8.73
N LYS C 104 4.69 11.47 -8.50
CA LYS C 104 3.63 12.33 -9.00
C LYS C 104 4.20 13.10 -10.17
N VAL C 105 3.48 13.11 -11.29
CA VAL C 105 3.84 13.94 -12.43
C VAL C 105 2.84 15.07 -12.53
N ASP C 106 3.35 16.28 -12.48
CA ASP C 106 2.53 17.46 -12.58
C ASP C 106 2.98 18.27 -13.80
N ILE C 107 2.29 19.37 -14.01
CA ILE C 107 2.36 20.16 -15.23
C ILE C 107 3.55 21.12 -15.14
N LYS C 108 4.47 21.07 -16.12
CA LYS C 108 5.62 21.97 -16.06
C LYS C 108 5.20 23.38 -16.44
N ARG C 109 5.91 24.36 -15.89
CA ARG C 109 5.53 25.76 -15.99
C ARG C 109 6.81 26.56 -15.92
N THR C 110 6.73 27.86 -16.10
CA THR C 110 7.96 28.57 -15.79
C THR C 110 8.00 28.85 -14.28
N VAL C 111 9.19 29.18 -13.77
CA VAL C 111 9.32 29.35 -12.32
C VAL C 111 8.65 30.64 -11.90
N ALA C 112 7.93 30.60 -10.78
CA ALA C 112 7.23 31.78 -10.25
C ALA C 112 7.34 31.82 -8.73
N ALA C 113 7.92 32.90 -8.21
CA ALA C 113 8.10 33.01 -6.77
C ALA C 113 6.77 33.31 -6.09
N PRO C 114 6.60 32.85 -4.85
CA PRO C 114 5.33 33.05 -4.16
C PRO C 114 5.17 34.48 -3.73
N SER C 115 3.93 34.96 -3.83
CA SER C 115 3.51 36.16 -3.13
C SER C 115 3.20 35.79 -1.68
N VAL C 116 3.89 36.44 -0.74
CA VAL C 116 3.84 36.08 0.67
C VAL C 116 3.03 37.09 1.46
N PHE C 117 2.10 36.60 2.27
CA PHE C 117 1.23 37.41 3.11
C PHE C 117 1.14 36.77 4.49
N ILE C 118 1.18 37.61 5.51
CA ILE C 118 1.06 37.13 6.88
C ILE C 118 -0.18 37.76 7.50
N PHE C 119 -0.84 37.02 8.38
CA PHE C 119 -2.16 37.38 8.89
C PHE C 119 -2.17 37.23 10.41
N PRO C 120 -2.31 38.30 11.16
CA PRO C 120 -2.36 38.19 12.61
C PRO C 120 -3.62 37.47 13.05
N PRO C 121 -3.72 37.12 14.33
CA PRO C 121 -4.97 36.51 14.78
C PRO C 121 -6.05 37.58 14.90
N SER C 122 -7.25 37.20 14.49
CA SER C 122 -8.38 38.09 14.63
C SER C 122 -8.55 38.46 16.09
N ASP C 123 -9.27 39.55 16.36
CA ASP C 123 -9.46 39.98 17.76
C ASP C 123 -10.54 39.09 18.35
N GLU C 124 -11.30 38.40 17.50
CA GLU C 124 -12.39 37.50 17.96
C GLU C 124 -11.78 36.19 18.43
N GLN C 125 -10.89 35.61 17.64
CA GLN C 125 -10.33 34.31 18.02
C GLN C 125 -9.60 34.52 19.32
N LEU C 126 -9.09 35.73 19.52
CA LEU C 126 -8.35 35.88 20.76
C LEU C 126 -9.25 35.83 21.98
N LYS C 127 -10.55 36.14 21.81
CA LYS C 127 -11.49 36.04 22.92
C LYS C 127 -11.65 34.61 23.37
N SER C 128 -11.61 33.65 22.45
CA SER C 128 -11.75 32.26 22.82
C SER C 128 -10.46 31.64 23.35
N GLY C 129 -9.36 32.39 23.44
CA GLY C 129 -8.17 31.94 24.15
C GLY C 129 -7.02 31.44 23.31
N THR C 130 -7.19 31.37 21.99
CA THR C 130 -6.25 30.74 21.08
C THR C 130 -5.84 31.75 20.01
N ALA C 131 -4.60 31.65 19.53
CA ALA C 131 -4.11 32.57 18.52
C ALA C 131 -3.69 31.74 17.31
N SER C 132 -4.36 31.93 16.19
CA SER C 132 -3.90 31.39 14.93
C SER C 132 -3.21 32.50 14.15
N VAL C 133 -1.99 32.22 13.69
CA VAL C 133 -1.26 33.12 12.79
C VAL C 133 -1.05 32.38 11.47
N VAL C 134 -1.40 33.02 10.38
CA VAL C 134 -1.44 32.37 9.08
C VAL C 134 -0.39 32.99 8.19
N CYS C 135 0.41 32.16 7.56
CA CYS C 135 1.28 32.59 6.48
C CYS C 135 0.78 32.00 5.18
N LEU C 136 0.73 32.83 4.14
CA LEU C 136 0.24 32.43 2.83
C LEU C 136 1.38 32.57 1.83
N LEU C 137 1.55 31.54 0.99
CA LEU C 137 2.45 31.55 -0.17
C LEU C 137 1.58 31.33 -1.40
N ASN C 138 1.38 32.37 -2.21
CA ASN C 138 0.36 32.32 -3.24
C ASN C 138 0.98 32.18 -4.63
N ASN C 139 0.44 31.25 -5.41
CA ASN C 139 0.70 31.13 -6.85
C ASN C 139 2.19 30.99 -7.17
N PHE C 140 2.80 29.94 -6.65
CA PHE C 140 4.18 29.68 -6.99
C PHE C 140 4.30 28.37 -7.75
N TYR C 141 5.41 28.20 -8.44
CA TYR C 141 5.78 26.95 -9.10
C TYR C 141 7.29 26.98 -9.01
N PRO C 142 7.95 25.85 -8.69
CA PRO C 142 7.37 24.53 -8.43
C PRO C 142 6.91 24.30 -6.98
N ARG C 143 6.43 23.07 -6.72
CA ARG C 143 5.73 22.76 -5.46
C ARG C 143 6.65 22.91 -4.26
N GLU C 144 7.94 22.71 -4.46
CA GLU C 144 8.90 22.68 -3.36
C GLU C 144 9.13 24.09 -2.79
N ALA C 145 8.86 24.27 -1.49
CA ALA C 145 9.05 25.55 -0.78
C ALA C 145 9.26 25.28 0.71
N LYS C 146 9.90 26.23 1.42
CA LYS C 146 10.14 26.14 2.88
C LYS C 146 9.68 27.38 3.63
N VAL C 147 8.91 27.17 4.70
CA VAL C 147 8.34 28.24 5.52
C VAL C 147 8.83 28.06 6.95
N GLN C 148 9.45 29.10 7.49
CA GLN C 148 9.99 29.08 8.85
C GLN C 148 9.31 30.16 9.67
N TRP C 149 8.81 29.80 10.86
CA TRP C 149 8.18 30.78 11.76
C TRP C 149 9.22 31.29 12.76
N LYS C 150 9.27 32.60 12.94
CA LYS C 150 10.11 33.20 13.97
C LYS C 150 9.26 34.09 14.87
N VAL C 151 9.24 33.78 16.17
CA VAL C 151 8.63 34.63 17.20
C VAL C 151 9.75 35.31 17.96
N ASP C 152 9.74 36.64 17.95
CA ASP C 152 10.82 37.44 18.52
C ASP C 152 12.16 36.82 18.16
N ASN C 153 12.31 36.53 16.87
CA ASN C 153 13.51 35.98 16.25
C ASN C 153 13.85 34.57 16.72
N ALA C 154 12.94 33.89 17.43
CA ALA C 154 13.17 32.55 17.97
C ALA C 154 12.42 31.55 17.09
N LEU C 155 13.16 30.70 16.39
CA LEU C 155 12.56 29.78 15.43
C LEU C 155 11.60 28.82 16.12
N GLN C 156 10.50 28.49 15.45
CA GLN C 156 9.42 27.70 16.04
C GLN C 156 9.31 26.31 15.40
N SER C 157 9.37 25.27 16.22
CA SER C 157 9.37 23.92 15.66
C SER C 157 8.01 23.22 15.76
N GLY C 158 7.60 22.83 16.96
CA GLY C 158 6.47 21.90 17.00
C GLY C 158 5.05 22.41 16.98
N ASN C 159 4.76 23.54 16.31
CA ASN C 159 3.44 24.15 16.49
C ASN C 159 2.92 24.78 15.20
N SER C 160 3.28 24.24 14.05
CA SER C 160 2.83 24.78 12.78
C SER C 160 2.41 23.64 11.89
N GLN C 161 1.41 23.90 11.05
CA GLN C 161 0.85 22.92 10.13
C GLN C 161 0.69 23.57 8.77
N GLU C 162 0.98 22.81 7.73
CA GLU C 162 0.91 23.31 6.36
C GLU C 162 -0.18 22.59 5.59
N SER C 163 -0.63 23.22 4.51
CA SER C 163 -1.56 22.60 3.60
C SER C 163 -1.25 23.20 2.24
N VAL C 164 -1.24 22.36 1.20
CA VAL C 164 -0.93 22.87 -0.12
C VAL C 164 -2.09 22.60 -1.05
N THR C 165 -2.28 23.45 -2.06
CA THR C 165 -3.39 23.25 -2.98
C THR C 165 -3.00 22.26 -4.08
N GLU C 166 -4.00 21.80 -4.81
CA GLU C 166 -3.72 21.07 -6.04
C GLU C 166 -3.23 22.06 -7.08
N GLN C 167 -2.56 21.52 -8.10
CA GLN C 167 -2.03 22.41 -9.13
C GLN C 167 -3.18 23.08 -9.86
N ASP C 168 -3.14 24.41 -9.90
CA ASP C 168 -4.22 25.18 -10.50
C ASP C 168 -4.45 24.75 -11.95
N SER C 169 -5.74 24.63 -12.32
CA SER C 169 -6.06 24.25 -13.68
C SER C 169 -5.52 25.27 -14.70
N LYS C 170 -5.55 26.56 -14.35
CA LYS C 170 -5.22 27.70 -15.21
C LYS C 170 -3.79 28.23 -15.02
N ASP C 171 -3.40 28.54 -13.77
CA ASP C 171 -2.02 28.96 -13.47
C ASP C 171 -1.02 27.84 -13.72
N SER C 172 -1.37 26.63 -13.29
CA SER C 172 -0.43 25.55 -13.01
C SER C 172 0.51 25.90 -11.85
N THR C 173 0.15 26.89 -11.04
CA THR C 173 0.86 27.19 -9.80
C THR C 173 0.25 26.42 -8.65
N TYR C 174 0.97 26.44 -7.52
CA TYR C 174 0.46 26.00 -6.23
C TYR C 174 0.33 27.22 -5.33
N SER C 175 -0.45 27.06 -4.28
CA SER C 175 -0.42 27.98 -3.15
C SER C 175 -0.31 27.17 -1.88
N LEU C 176 0.21 27.78 -0.82
CA LEU C 176 0.46 27.03 0.40
C LEU C 176 0.15 27.89 1.61
N SER C 177 -0.56 27.30 2.58
CA SER C 177 -0.84 27.94 3.85
C SER C 177 -0.05 27.25 4.96
N SER C 178 0.48 28.04 5.89
CA SER C 178 1.08 27.54 7.12
C SER C 178 0.40 28.24 8.29
N THR C 179 -0.10 27.47 9.26
CA THR C 179 -0.86 28.03 10.35
C THR C 179 -0.17 27.73 11.66
N LEU C 180 0.24 28.80 12.38
CA LEU C 180 1.03 28.70 13.61
C LEU C 180 0.11 28.94 14.78
N THR C 181 -0.13 27.88 15.57
CA THR C 181 -1.06 27.98 16.69
C THR C 181 -0.35 28.31 18.00
N LEU C 182 -1.02 29.11 18.83
CA LEU C 182 -0.44 29.66 20.04
C LEU C 182 -1.52 29.96 21.05
N SER C 183 -1.20 29.79 22.32
CA SER C 183 -2.11 30.28 23.35
C SER C 183 -2.09 31.80 23.40
N LYS C 184 -3.27 32.38 23.67
CA LYS C 184 -3.34 33.83 23.86
C LYS C 184 -2.34 34.28 24.91
N ALA C 185 -2.21 33.51 26.00
CA ALA C 185 -1.24 33.86 27.03
C ALA C 185 0.18 33.94 26.46
N ASP C 186 0.55 32.96 25.61
CA ASP C 186 1.85 33.00 24.92
C ASP C 186 1.91 34.13 23.91
N TYR C 187 0.90 34.20 23.03
CA TYR C 187 0.92 35.16 21.94
C TYR C 187 1.23 36.56 22.46
N GLU C 188 0.73 36.88 23.64
CA GLU C 188 0.83 38.22 24.18
C GLU C 188 2.15 38.48 24.91
N LYS C 189 2.92 37.44 25.24
CA LYS C 189 4.24 37.69 25.79
C LYS C 189 5.33 37.70 24.72
N HIS C 190 5.00 38.06 23.47
CA HIS C 190 6.03 38.22 22.45
C HIS C 190 5.57 39.29 21.45
N LYS C 191 6.55 39.92 20.78
CA LYS C 191 6.24 41.08 19.93
C LYS C 191 6.23 40.74 18.45
N VAL C 192 7.32 40.22 17.91
CA VAL C 192 7.50 40.16 16.47
C VAL C 192 7.19 38.76 15.95
N TYR C 193 6.20 38.70 15.07
CA TYR C 193 5.73 37.47 14.44
C TYR C 193 6.12 37.52 12.97
N ALA C 194 7.01 36.62 12.55
CA ALA C 194 7.56 36.65 11.18
C ALA C 194 7.45 35.33 10.44
N CYS C 195 7.29 35.38 9.11
CA CYS C 195 7.22 34.18 8.25
C CYS C 195 8.33 34.29 7.21
N GLU C 196 9.35 33.46 7.30
CA GLU C 196 10.46 33.44 6.32
C GLU C 196 10.25 32.32 5.32
N VAL C 197 10.09 32.67 4.05
CA VAL C 197 9.85 31.70 2.99
C VAL C 197 11.08 31.66 2.10
N THR C 198 11.57 30.46 1.81
CA THR C 198 12.64 30.29 0.83
C THR C 198 12.09 29.45 -0.32
N HIS C 199 12.49 29.77 -1.55
CA HIS C 199 11.92 29.12 -2.72
C HIS C 199 12.80 29.37 -3.93
N GLN C 200 12.75 28.42 -4.87
CA GLN C 200 13.66 28.41 -6.02
C GLN C 200 13.59 29.71 -6.82
N GLY C 201 12.40 30.30 -6.90
CA GLY C 201 12.23 31.52 -7.65
C GLY C 201 12.54 32.81 -6.93
N LEU C 202 12.86 32.76 -5.64
CA LEU C 202 13.30 33.92 -4.88
C LEU C 202 14.81 33.86 -4.72
N SER C 203 15.47 35.03 -4.86
CA SER C 203 16.92 35.08 -4.78
C SER C 203 17.41 34.67 -3.39
N SER C 204 16.94 35.37 -2.37
CA SER C 204 17.18 35.12 -0.96
C SER C 204 15.85 35.00 -0.24
N PRO C 205 15.84 34.46 0.98
CA PRO C 205 14.56 34.27 1.67
C PRO C 205 13.81 35.58 1.83
N VAL C 206 12.50 35.50 1.60
CA VAL C 206 11.57 36.61 1.78
C VAL C 206 10.91 36.46 3.12
N THR C 207 10.81 37.54 3.88
CA THR C 207 10.28 37.49 5.24
C THR C 207 9.20 38.55 5.38
N LYS C 208 7.97 38.13 5.70
CA LYS C 208 6.91 39.06 6.05
C LYS C 208 6.61 38.94 7.54
N SER C 209 6.25 40.05 8.17
CA SER C 209 6.11 40.05 9.62
C SER C 209 5.18 41.15 10.10
N PHE C 210 4.87 41.13 11.40
CA PHE C 210 4.09 42.17 12.07
C PHE C 210 4.39 42.19 13.56
N ASN C 211 4.32 43.38 14.17
CA ASN C 211 4.38 43.46 15.64
C ASN C 211 2.96 43.33 16.23
N ARG C 212 2.87 42.93 17.50
CA ARG C 212 1.56 42.54 18.03
C ARG C 212 0.64 43.74 18.27
N GLY C 213 1.17 44.90 18.62
CA GLY C 213 0.36 46.10 18.53
C GLY C 213 0.50 46.80 17.18
N GLU C 214 -0.38 46.46 16.22
CA GLU C 214 -0.41 47.03 14.86
C GLU C 214 0.97 47.45 14.30
C1 NAG D . 25.99 -37.72 0.19
C2 NAG D . 25.97 -38.87 1.18
C3 NAG D . 27.08 -38.69 2.22
C4 NAG D . 28.44 -38.56 1.55
C5 NAG D . 28.46 -37.48 0.46
C6 NAG D . 29.70 -37.55 -0.43
C7 NAG D . 23.85 -40.05 1.68
C8 NAG D . 22.55 -39.98 2.40
N2 NAG D . 24.66 -38.99 1.82
O3 NAG D . 27.08 -39.76 3.17
O4 NAG D . 29.38 -38.17 2.56
O5 NAG D . 27.33 -37.61 -0.41
O6 NAG D . 29.77 -36.54 -1.44
O7 NAG D . 24.16 -41.03 1.00
C1 NAG D . 30.34 -39.16 2.95
C2 NAG D . 31.21 -38.36 3.86
C3 NAG D . 32.42 -39.18 4.26
C4 NAG D . 31.99 -40.48 4.93
C5 NAG D . 30.83 -41.21 4.20
C6 NAG D . 30.06 -42.13 5.13
C7 NAG D . 30.97 -35.93 3.61
C8 NAG D . 31.44 -34.69 2.91
N2 NAG D . 31.58 -37.08 3.26
O3 NAG D . 33.22 -38.40 5.16
O4 NAG D . 33.11 -41.36 5.05
O5 NAG D . 29.84 -40.31 3.65
O6 NAG D . 29.04 -41.41 5.79
O7 NAG D . 30.07 -35.90 4.44
#